data_7W13
#
_entry.id   7W13
#
_cell.length_a   47.313
_cell.length_b   64.523
_cell.length_c   73.840
_cell.angle_alpha   90.000
_cell.angle_beta   90.000
_cell.angle_gamma   90.000
#
_symmetry.space_group_name_H-M   'P 21 21 21'
#
loop_
_entity.id
_entity.type
_entity.pdbx_description
1 polymer 'Alginate lyase'
2 branched 'beta-D-mannopyranuronic acid-(1-4)-beta-D-mannopyranuronic acid-(1-4)-beta-D-mannopyranuronic acid'
3 water water
#
_entity_poly.entity_id   1
_entity_poly.type   'polypeptide(L)'
_entity_poly.pdbx_seq_one_letter_code
;MMRFAIAAALGALLAVAAAPAAVAAARRPPWDIARFRPALRVAKLQAPDSVQRKDVRSFPNFQADHFYSENRDMVFVMGG
DSQRSELRFLDEWSVRTSSTRRMVGVLTLPTPLRGMKHFTWMQVAGGSKGKKPLLRLSWHDKREQGGKDLRNTMLATVRL
NNKSGDAGRFKKIVLGTRPSGRFVADVRVERSRLTVRLNGRKLVDEDVGYWTYSTNYFKAGVYVQEGSPDARVVFHGLTV
S
;
_entity_poly.pdbx_strand_id   A
#
loop_
_chem_comp.id
_chem_comp.type
_chem_comp.name
_chem_comp.formula
BEM D-saccharide, beta linking 'beta-D-mannopyranuronic acid' 'C6 H10 O7'
#
# COMPACT_ATOMS: atom_id res chain seq x y z
N ARG A 27 -23.22 -5.02 -2.13
CA ARG A 27 -22.07 -4.46 -1.31
C ARG A 27 -22.39 -4.34 0.17
N ARG A 28 -21.41 -4.58 1.04
CA ARG A 28 -21.62 -4.51 2.47
C ARG A 28 -20.36 -3.94 3.17
N PRO A 29 -20.40 -3.56 4.47
CA PRO A 29 -19.29 -3.00 5.18
C PRO A 29 -18.18 -4.05 5.30
N PRO A 30 -16.94 -3.72 4.98
CA PRO A 30 -15.89 -4.75 5.15
C PRO A 30 -15.81 -5.26 6.60
N TRP A 31 -16.21 -4.49 7.59
CA TRP A 31 -16.24 -4.97 8.99
C TRP A 31 -17.19 -6.17 9.15
N ASP A 32 -18.14 -6.30 8.23
CA ASP A 32 -19.02 -7.53 8.25
C ASP A 32 -18.24 -8.83 8.02
N ILE A 33 -17.07 -8.75 7.38
CA ILE A 33 -16.29 -9.91 7.07
C ILE A 33 -15.20 -10.03 8.11
N ALA A 34 -15.39 -10.98 9.05
CA ALA A 34 -14.58 -10.99 10.24
C ALA A 34 -13.05 -11.03 10.06
N ARG A 35 -12.64 -11.64 8.96
CA ARG A 35 -11.22 -11.79 8.75
C ARG A 35 -10.48 -10.44 8.65
N PHE A 36 -11.24 -9.38 8.30
CA PHE A 36 -10.58 -8.04 8.21
C PHE A 36 -10.56 -7.26 9.52
N ARG A 37 -11.24 -7.81 10.54
CA ARG A 37 -11.30 -7.06 11.77
C ARG A 37 -9.95 -6.76 12.46
N PRO A 38 -9.01 -7.72 12.51
CA PRO A 38 -7.76 -7.43 13.18
C PRO A 38 -7.04 -6.19 12.57
N ALA A 39 -6.98 -6.14 11.24
CA ALA A 39 -6.34 -4.98 10.59
C ALA A 39 -7.14 -3.70 10.85
N LEU A 40 -8.45 -3.81 10.77
CA LEU A 40 -9.28 -2.59 10.88
C LEU A 40 -9.29 -2.03 12.29
N ARG A 41 -9.10 -2.91 13.27
CA ARG A 41 -8.97 -2.44 14.63
C ARG A 41 -7.74 -1.54 14.89
N VAL A 42 -6.68 -1.63 14.02
CA VAL A 42 -5.43 -0.95 14.24
C VAL A 42 -5.08 -0.07 12.95
N ALA A 43 -6.15 0.41 12.33
CA ALA A 43 -5.98 1.28 11.14
C ALA A 43 -7.06 2.31 11.08
N LYS A 44 -6.86 3.30 10.22
CA LYS A 44 -7.95 4.23 9.88
C LYS A 44 -7.95 4.42 8.36
N LEU A 45 -9.07 4.81 7.79
CA LEU A 45 -9.24 4.89 6.34
C LEU A 45 -9.14 6.33 5.90
N GLN A 46 -8.18 6.61 5.00
CA GLN A 46 -7.97 7.97 4.43
C GLN A 46 -8.53 8.05 3.02
N ALA A 47 -9.18 9.18 2.68
CA ALA A 47 -9.75 9.40 1.34
C ALA A 47 -9.76 10.95 1.15
N PRO A 48 -10.10 11.40 -0.05
CA PRO A 48 -9.97 12.84 -0.36
C PRO A 48 -10.79 13.74 0.57
N ASP A 49 -10.38 15.01 0.75
CA ASP A 49 -11.16 15.91 1.67
C ASP A 49 -12.51 16.25 1.06
N SER A 50 -12.63 16.08 -0.24
CA SER A 50 -13.88 16.27 -0.92
C SER A 50 -14.80 15.05 -0.70
N VAL A 51 -14.29 13.96 -0.14
CA VAL A 51 -15.04 12.71 -0.06
C VAL A 51 -15.38 12.47 1.43
N GLN A 52 -14.42 12.72 2.34
CA GLN A 52 -14.80 12.62 3.74
C GLN A 52 -14.07 13.65 4.53
N ARG A 53 -14.72 14.17 5.56
CA ARG A 53 -14.09 15.28 6.31
C ARG A 53 -12.86 14.81 7.06
N LYS A 54 -12.89 13.60 7.62
CA LYS A 54 -11.85 13.13 8.44
C LYS A 54 -11.64 11.66 8.15
N ASP A 55 -10.48 11.17 8.55
CA ASP A 55 -10.15 9.73 8.44
C ASP A 55 -11.18 8.91 9.20
N VAL A 56 -11.57 7.78 8.66
CA VAL A 56 -12.62 6.95 9.32
C VAL A 56 -11.91 6.05 10.27
N ARG A 57 -12.35 6.04 11.55
CA ARG A 57 -11.65 5.27 12.58
C ARG A 57 -12.54 4.17 13.11
N SER A 58 -13.84 4.35 12.94
CA SER A 58 -14.81 3.35 13.40
C SER A 58 -15.38 2.62 12.20
N PHE A 59 -15.05 1.35 12.07
CA PHE A 59 -15.48 0.60 10.90
C PHE A 59 -16.82 -0.17 10.92
N PRO A 60 -17.35 -0.49 12.11
CA PRO A 60 -18.64 -1.20 12.00
C PRO A 60 -19.69 -0.41 11.21
N ASN A 61 -20.43 -1.07 10.30
CA ASN A 61 -21.47 -0.50 9.46
C ASN A 61 -21.03 0.48 8.39
N PHE A 62 -19.71 0.62 8.21
CA PHE A 62 -19.21 1.64 7.26
C PHE A 62 -18.93 1.02 5.89
N GLN A 63 -19.45 1.66 4.87
CA GLN A 63 -19.16 1.34 3.50
C GLN A 63 -19.40 2.60 2.69
N ALA A 64 -18.69 2.67 1.58
CA ALA A 64 -18.80 3.75 0.63
C ALA A 64 -18.35 3.29 -0.73
N ASP A 65 -18.63 4.08 -1.78
CA ASP A 65 -18.12 3.73 -3.08
C ASP A 65 -16.58 3.49 -3.13
N HIS A 66 -15.87 4.11 -2.20
CA HIS A 66 -14.37 3.96 -2.22
C HIS A 66 -13.90 2.82 -1.34
N PHE A 67 -14.80 2.23 -0.56
CA PHE A 67 -14.36 1.22 0.44
C PHE A 67 -15.58 0.33 0.77
N TYR A 68 -15.57 -0.88 0.24
CA TYR A 68 -16.76 -1.75 0.44
C TYR A 68 -16.34 -3.19 0.29
N SER A 69 -17.23 -4.10 0.71
CA SER A 69 -16.93 -5.52 0.46
C SER A 69 -17.95 -6.09 -0.55
N GLU A 70 -17.46 -6.91 -1.48
CA GLU A 70 -18.24 -7.78 -2.41
C GLU A 70 -17.49 -9.07 -2.38
N ASN A 71 -18.21 -10.20 -2.50
CA ASN A 71 -17.52 -11.52 -2.56
C ASN A 71 -16.63 -11.83 -1.35
N ARG A 72 -16.96 -11.24 -0.19
CA ARG A 72 -16.22 -11.40 1.08
C ARG A 72 -14.79 -10.77 1.03
N ASP A 73 -14.57 -9.93 0.03
CA ASP A 73 -13.28 -9.20 -0.03
C ASP A 73 -13.40 -7.76 0.51
N MET A 74 -12.23 -7.09 0.67
CA MET A 74 -12.20 -5.72 1.09
C MET A 74 -11.68 -4.92 -0.08
N VAL A 75 -12.53 -4.05 -0.62
CA VAL A 75 -12.25 -3.48 -1.94
C VAL A 75 -12.03 -2.00 -1.76
N PHE A 76 -10.91 -1.52 -2.31
CA PHE A 76 -10.64 -0.06 -2.40
C PHE A 76 -10.72 0.45 -3.78
N VAL A 77 -11.43 1.59 -3.94
CA VAL A 77 -11.58 2.15 -5.29
C VAL A 77 -11.36 3.65 -5.24
N MET A 78 -10.49 4.17 -6.06
CA MET A 78 -10.30 5.61 -6.15
C MET A 78 -9.82 5.95 -7.58
N GLY A 79 -10.31 7.07 -8.07
CA GLY A 79 -9.82 7.57 -9.37
C GLY A 79 -9.16 8.94 -9.14
N GLY A 80 -8.33 9.33 -10.11
CA GLY A 80 -7.83 10.72 -10.18
C GLY A 80 -6.41 10.79 -9.61
N ASP A 81 -5.52 11.48 -10.34
CA ASP A 81 -4.16 11.65 -9.88
C ASP A 81 -4.04 12.24 -8.46
N SER A 82 -3.23 11.60 -7.64
CA SER A 82 -2.93 11.98 -6.28
C SER A 82 -4.02 11.63 -5.28
N GLN A 83 -5.09 10.96 -5.68
CA GLN A 83 -6.20 10.68 -4.75
C GLN A 83 -6.06 9.25 -4.24
N ARG A 84 -6.46 9.04 -2.97
CA ARG A 84 -6.32 7.70 -2.37
C ARG A 84 -7.61 7.21 -1.71
N SER A 85 -7.73 5.91 -1.59
CA SER A 85 -8.60 5.31 -0.57
C SER A 85 -7.67 4.26 0.02
N GLU A 86 -7.20 4.51 1.24
CA GLU A 86 -6.09 3.66 1.73
C GLU A 86 -6.20 3.53 3.24
N LEU A 87 -5.86 2.35 3.74
CA LEU A 87 -5.73 2.22 5.18
C LEU A 87 -4.36 2.73 5.62
N ARG A 88 -4.34 3.52 6.70
CA ARG A 88 -3.12 4.01 7.39
C ARG A 88 -3.05 3.25 8.72
N PHE A 89 -2.12 2.32 8.81
CA PHE A 89 -1.97 1.59 10.09
C PHE A 89 -1.48 2.54 11.19
N LEU A 90 -2.11 2.40 12.35
CA LEU A 90 -1.88 3.34 13.47
C LEU A 90 -0.54 3.23 14.16
N ASP A 91 0.04 2.02 14.20
CA ASP A 91 1.33 1.84 14.92
C ASP A 91 2.41 2.52 14.13
N GLU A 92 3.25 3.32 14.82
CA GLU A 92 4.43 3.96 14.26
C GLU A 92 5.69 3.32 14.81
N TRP A 93 6.70 3.23 13.96
CA TRP A 93 7.89 2.43 14.38
C TRP A 93 9.14 2.85 13.64
N SER A 94 10.27 2.33 14.10
CA SER A 94 11.59 2.68 13.54
C SER A 94 12.13 1.44 12.80
N VAL A 95 12.98 1.61 11.78
CA VAL A 95 13.51 0.45 11.04
C VAL A 95 14.43 -0.39 11.93
N ARG A 96 14.96 0.22 12.98
CA ARG A 96 15.85 -0.50 13.89
C ARG A 96 15.14 -1.58 14.73
N THR A 97 13.78 -1.58 14.70
CA THR A 97 12.92 -2.49 15.48
C THR A 97 13.53 -3.85 15.71
N SER A 98 13.56 -4.27 16.97
CA SER A 98 14.11 -5.59 17.36
C SER A 98 13.33 -6.79 16.89
N SER A 99 12.00 -6.63 16.89
CA SER A 99 11.09 -7.64 16.49
C SER A 99 10.55 -7.19 15.14
N THR A 100 10.45 -8.14 14.22
CA THR A 100 9.90 -7.84 12.88
C THR A 100 8.56 -7.08 12.87
N ARG A 101 8.54 -6.04 12.07
CA ARG A 101 7.26 -5.36 11.73
C ARG A 101 6.87 -5.92 10.34
N ARG A 102 5.62 -6.41 10.18
CA ARG A 102 5.28 -7.14 8.99
C ARG A 102 3.86 -6.75 8.60
N MET A 103 3.70 -6.65 7.27
CA MET A 103 2.35 -6.52 6.63
C MET A 103 2.23 -7.62 5.57
N VAL A 104 1.20 -8.44 5.66
CA VAL A 104 0.99 -9.47 4.66
C VAL A 104 -0.43 -9.32 4.10
N GLY A 105 -0.47 -9.23 2.77
CA GLY A 105 -1.77 -9.09 2.03
C GLY A 105 -1.92 -10.25 1.10
N VAL A 106 -3.18 -10.71 0.88
CA VAL A 106 -3.51 -11.61 -0.19
C VAL A 106 -4.47 -10.80 -1.02
N LEU A 107 -4.13 -10.49 -2.28
CA LEU A 107 -4.88 -9.47 -3.01
C LEU A 107 -4.90 -9.78 -4.49
N THR A 108 -5.79 -9.10 -5.18
CA THR A 108 -5.86 -9.13 -6.66
C THR A 108 -5.84 -7.67 -7.13
N LEU A 109 -5.09 -7.44 -8.21
CA LEU A 109 -5.18 -6.19 -8.97
C LEU A 109 -5.87 -6.51 -10.29
N PRO A 110 -7.18 -6.27 -10.38
CA PRO A 110 -7.89 -6.54 -11.60
C PRO A 110 -7.41 -5.64 -12.70
N THR A 111 -7.63 -6.09 -13.93
CA THR A 111 -7.12 -5.37 -15.09
C THR A 111 -7.46 -3.89 -15.01
N PRO A 112 -6.45 -3.01 -15.02
CA PRO A 112 -6.79 -1.56 -14.90
C PRO A 112 -7.49 -1.06 -16.16
N LEU A 113 -8.34 -0.09 -15.94
CA LEU A 113 -9.06 0.58 -17.02
C LEU A 113 -8.13 1.37 -17.97
N ARG A 114 -8.59 1.49 -19.24
CA ARG A 114 -7.88 2.34 -20.18
C ARG A 114 -7.77 3.76 -19.55
N GLY A 115 -6.55 4.31 -19.59
CA GLY A 115 -6.24 5.64 -19.01
C GLY A 115 -5.62 5.54 -17.64
N MET A 116 -5.68 4.39 -16.97
CA MET A 116 -5.03 4.28 -15.61
C MET A 116 -3.56 3.91 -15.84
N LYS A 117 -2.65 4.75 -15.39
CA LYS A 117 -1.26 4.59 -15.75
C LYS A 117 -0.39 4.11 -14.63
N HIS A 118 -0.66 4.60 -13.39
CA HIS A 118 0.25 4.37 -12.26
C HIS A 118 -0.44 4.51 -10.92
N PHE A 119 -0.45 3.47 -10.12
CA PHE A 119 -1.00 3.61 -8.78
C PHE A 119 -0.21 2.73 -7.77
N THR A 120 -0.38 3.05 -6.52
CA THR A 120 0.29 2.39 -5.42
C THR A 120 -0.69 1.59 -4.59
N TRP A 121 -0.27 0.37 -4.25
CA TRP A 121 -1.21 -0.52 -3.46
C TRP A 121 -0.73 -0.93 -2.09
N MET A 122 0.59 -0.75 -1.77
CA MET A 122 1.08 -0.92 -0.38
C MET A 122 2.21 0.06 -0.19
N GLN A 123 2.39 0.51 1.04
CA GLN A 123 3.55 1.39 1.34
C GLN A 123 4.13 1.06 2.69
N VAL A 124 5.42 1.45 2.88
CA VAL A 124 5.92 1.84 4.21
C VAL A 124 6.07 3.34 4.14
N ALA A 125 5.16 4.00 4.83
CA ALA A 125 5.08 5.50 4.79
C ALA A 125 6.00 6.07 5.86
N GLY A 126 6.52 7.26 5.56
CA GLY A 126 7.54 7.88 6.48
C GLY A 126 6.88 8.76 7.53
N GLY A 127 5.60 9.08 7.39
CA GLY A 127 4.88 9.75 8.49
C GLY A 127 5.33 11.21 8.68
N SER A 128 5.04 11.74 9.87
CA SER A 128 5.29 13.19 10.06
C SER A 128 6.80 13.60 10.01
N LYS A 129 7.73 12.72 10.39
CA LYS A 129 9.19 13.05 10.33
C LYS A 129 9.84 12.62 9.01
N GLY A 130 9.47 11.42 8.56
CA GLY A 130 10.00 10.88 7.33
C GLY A 130 9.50 11.63 6.14
N LYS A 131 8.21 12.01 6.16
CA LYS A 131 7.58 12.84 5.11
C LYS A 131 7.44 12.25 3.69
N LYS A 132 8.21 11.22 3.34
CA LYS A 132 8.13 10.54 2.02
C LYS A 132 8.11 9.05 2.35
N PRO A 133 7.67 8.22 1.42
CA PRO A 133 7.56 6.82 1.81
C PRO A 133 8.88 6.06 1.64
N LEU A 134 9.25 5.25 2.62
CA LEU A 134 10.47 4.38 2.53
C LEU A 134 10.25 3.38 1.39
N LEU A 135 9.00 2.89 1.25
CA LEU A 135 8.71 1.85 0.24
C LEU A 135 7.34 2.16 -0.36
N ARG A 136 7.28 2.10 -1.69
CA ARG A 136 5.99 2.05 -2.41
C ARG A 136 5.99 0.80 -3.26
N LEU A 137 4.88 0.07 -3.27
CA LEU A 137 4.67 -1.07 -4.21
C LEU A 137 3.62 -0.55 -5.16
N SER A 138 3.94 -0.49 -6.45
CA SER A 138 3.03 0.18 -7.45
C SER A 138 2.82 -0.66 -8.69
N TRP A 139 1.83 -0.29 -9.45
CA TRP A 139 1.54 -0.90 -10.73
C TRP A 139 1.64 0.15 -11.78
N HIS A 140 2.20 -0.25 -12.94
CA HIS A 140 2.39 0.69 -14.06
C HIS A 140 1.97 0.12 -15.37
N ASP A 141 1.25 0.92 -16.16
CA ASP A 141 0.99 0.49 -17.54
C ASP A 141 2.23 0.34 -18.36
N LYS A 142 3.19 1.27 -18.19
CA LYS A 142 4.41 1.32 -18.96
C LYS A 142 5.58 1.94 -18.15
N ARG A 143 6.73 1.27 -18.18
CA ARG A 143 7.94 1.74 -17.50
C ARG A 143 9.15 1.38 -18.36
N GLU A 144 10.28 2.08 -18.13
CA GLU A 144 11.57 1.66 -18.74
C GLU A 144 12.59 1.40 -17.66
N GLN A 145 13.24 0.26 -17.69
CA GLN A 145 14.36 -0.02 -16.83
C GLN A 145 15.00 -1.24 -17.50
N LEU A 150 8.95 -2.12 -20.36
CA LEU A 150 8.08 -2.99 -19.52
C LEU A 150 6.60 -2.54 -19.56
N ARG A 151 5.68 -3.50 -19.67
CA ARG A 151 4.23 -3.24 -19.72
C ARG A 151 3.52 -3.99 -18.64
N ASN A 152 2.43 -3.41 -18.12
CA ASN A 152 1.59 -4.14 -17.14
C ASN A 152 2.49 -4.70 -15.97
N THR A 153 3.29 -3.81 -15.36
CA THR A 153 4.44 -4.17 -14.56
C THR A 153 4.34 -3.68 -13.09
N MET A 154 4.83 -4.47 -12.14
CA MET A 154 4.80 -4.03 -10.78
C MET A 154 6.21 -3.56 -10.36
N LEU A 155 6.23 -2.66 -9.41
CA LEU A 155 7.52 -2.04 -9.04
C LEU A 155 7.62 -1.87 -7.53
N ALA A 156 8.83 -2.10 -6.96
CA ALA A 156 9.14 -1.66 -5.60
C ALA A 156 10.08 -0.47 -5.66
N THR A 157 9.65 0.69 -5.10
CA THR A 157 10.59 1.81 -4.96
C THR A 157 11.01 2.01 -3.51
N VAL A 158 12.33 1.93 -3.24
CA VAL A 158 12.86 2.07 -1.90
C VAL A 158 13.59 3.42 -1.92
N ARG A 159 13.16 4.34 -1.05
CA ARG A 159 13.88 5.62 -1.01
C ARG A 159 15.16 5.45 -0.24
N LEU A 160 16.18 6.14 -0.78
CA LEU A 160 17.50 6.23 -0.15
C LEU A 160 17.70 7.53 0.60
N ASN A 161 16.76 8.46 0.43
CA ASN A 161 16.71 9.65 1.28
C ASN A 161 15.26 10.19 1.27
N ASN A 162 14.99 11.28 2.02
CA ASN A 162 13.63 11.80 2.03
C ASN A 162 13.48 13.13 1.28
N LYS A 163 14.47 13.42 0.43
CA LYS A 163 14.53 14.70 -0.26
C LYS A 163 13.54 14.74 -1.40
N SER A 164 13.08 15.95 -1.69
CA SER A 164 12.12 16.20 -2.74
C SER A 164 12.82 16.60 -4.02
N GLY A 165 12.05 16.70 -5.09
CA GLY A 165 12.53 17.15 -6.38
C GLY A 165 13.67 16.29 -6.88
N ASP A 166 14.66 16.96 -7.48
CA ASP A 166 15.84 16.30 -8.09
C ASP A 166 16.86 15.70 -7.08
N ALA A 167 16.77 16.09 -5.79
CA ALA A 167 17.69 15.59 -4.80
C ALA A 167 17.24 14.22 -4.30
N GLY A 168 16.03 13.80 -4.67
CA GLY A 168 15.54 12.44 -4.26
C GLY A 168 16.40 11.33 -4.86
N ARG A 169 16.67 10.29 -4.06
CA ARG A 169 17.45 9.13 -4.50
C ARG A 169 16.62 7.89 -4.18
N PHE A 170 16.74 6.90 -5.06
CA PHE A 170 15.84 5.71 -4.99
C PHE A 170 16.58 4.48 -5.42
N LYS A 171 16.06 3.31 -5.03
CA LYS A 171 16.35 2.01 -5.69
C LYS A 171 15.06 1.53 -6.32
N LYS A 172 15.05 1.23 -7.57
CA LYS A 172 13.82 0.75 -8.27
C LYS A 172 14.03 -0.75 -8.50
N ILE A 173 13.10 -1.58 -8.01
CA ILE A 173 13.21 -3.04 -8.21
C ILE A 173 12.02 -3.52 -8.97
N VAL A 174 12.23 -4.13 -10.13
CA VAL A 174 11.13 -4.65 -10.98
C VAL A 174 10.52 -5.91 -10.33
N LEU A 175 9.20 -5.95 -10.08
CA LEU A 175 8.64 -7.14 -9.37
C LEU A 175 7.93 -8.01 -10.40
N GLY A 176 7.94 -7.62 -11.65
CA GLY A 176 7.32 -8.52 -12.66
C GLY A 176 5.92 -8.17 -13.09
N THR A 177 5.33 -9.01 -13.93
CA THR A 177 4.01 -8.70 -14.51
C THR A 177 2.93 -8.79 -13.45
N ARG A 178 1.97 -7.87 -13.53
CA ARG A 178 0.77 -7.97 -12.65
C ARG A 178 0.20 -9.40 -12.76
N PRO A 179 0.04 -10.07 -11.61
CA PRO A 179 -0.63 -11.34 -11.71
C PRO A 179 -2.09 -11.17 -12.16
N SER A 180 -2.60 -12.22 -12.79
CA SER A 180 -4.01 -12.10 -13.23
C SER A 180 -5.04 -12.44 -12.16
N GLY A 181 -4.59 -13.11 -11.12
CA GLY A 181 -5.45 -13.45 -9.95
C GLY A 181 -4.76 -13.14 -8.61
N ARG A 182 -5.11 -13.92 -7.60
CA ARG A 182 -4.64 -13.57 -6.24
C ARG A 182 -3.13 -13.78 -6.17
N PHE A 183 -2.50 -12.96 -5.38
CA PHE A 183 -1.07 -13.16 -4.99
C PHE A 183 -0.86 -12.70 -3.54
N VAL A 184 0.21 -13.17 -2.96
CA VAL A 184 0.58 -12.82 -1.60
C VAL A 184 1.73 -11.81 -1.60
N ALA A 185 1.50 -10.66 -0.94
CA ALA A 185 2.60 -9.64 -0.77
C ALA A 185 2.95 -9.55 0.70
N ASP A 186 4.24 -9.68 1.03
CA ASP A 186 4.69 -9.80 2.42
C ASP A 186 5.88 -8.88 2.64
N VAL A 187 5.62 -7.79 3.35
CA VAL A 187 6.63 -6.71 3.62
C VAL A 187 7.10 -6.85 5.01
N ARG A 188 8.45 -6.91 5.20
CA ARG A 188 8.91 -7.03 6.57
C ARG A 188 10.07 -6.00 6.76
N VAL A 189 10.18 -5.48 7.97
CA VAL A 189 11.35 -4.64 8.40
C VAL A 189 11.87 -5.24 9.70
N GLU A 190 13.18 -5.51 9.77
CA GLU A 190 13.69 -6.15 10.98
C GLU A 190 15.17 -5.82 11.01
N ARG A 191 15.65 -5.32 12.14
CA ARG A 191 17.11 -5.05 12.33
C ARG A 191 17.63 -4.24 11.12
N SER A 192 16.92 -3.17 10.80
CA SER A 192 17.35 -2.28 9.72
C SER A 192 17.35 -2.86 8.30
N ARG A 193 16.61 -3.95 8.01
CA ARG A 193 16.61 -4.60 6.76
C ARG A 193 15.12 -4.65 6.26
N LEU A 194 14.91 -4.25 5.05
CA LEU A 194 13.53 -4.28 4.47
C LEU A 194 13.48 -5.43 3.47
N THR A 195 12.46 -6.30 3.57
CA THR A 195 12.32 -7.36 2.55
C THR A 195 10.91 -7.34 2.00
N VAL A 196 10.79 -7.68 0.74
CA VAL A 196 9.45 -7.94 0.11
C VAL A 196 9.48 -9.31 -0.50
N ARG A 197 8.46 -10.14 -0.19
CA ARG A 197 8.27 -11.44 -0.82
C ARG A 197 6.94 -11.41 -1.59
N LEU A 198 6.95 -11.75 -2.86
CA LEU A 198 5.72 -11.90 -3.67
C LEU A 198 5.57 -13.34 -3.99
N ASN A 199 4.42 -13.91 -3.63
CA ASN A 199 4.20 -15.35 -3.72
C ASN A 199 5.44 -16.10 -3.32
N GLY A 200 5.99 -15.75 -2.17
CA GLY A 200 7.09 -16.52 -1.47
C GLY A 200 8.47 -16.19 -2.03
N ARG A 201 8.54 -15.44 -3.11
CA ARG A 201 9.84 -15.14 -3.74
C ARG A 201 10.35 -13.80 -3.23
N LYS A 202 11.49 -13.84 -2.54
CA LYS A 202 12.11 -12.62 -1.97
C LYS A 202 12.71 -11.76 -3.07
N LEU A 203 12.00 -10.69 -3.45
CA LEU A 203 12.41 -9.89 -4.60
C LEU A 203 13.05 -8.59 -4.16
N VAL A 204 12.85 -8.19 -2.92
CA VAL A 204 13.52 -6.99 -2.35
C VAL A 204 14.15 -7.40 -1.03
N ASP A 205 15.43 -7.00 -0.84
CA ASP A 205 16.14 -7.22 0.43
C ASP A 205 17.23 -6.16 0.48
N GLU A 206 16.98 -5.16 1.29
CA GLU A 206 17.81 -3.98 1.28
C GLU A 206 18.08 -3.52 2.70
N ASP A 207 19.32 -3.00 2.91
CA ASP A 207 19.58 -2.22 4.06
C ASP A 207 18.81 -0.88 3.99
N VAL A 208 18.17 -0.59 5.11
CA VAL A 208 17.47 0.70 5.32
C VAL A 208 17.92 1.47 6.57
N GLY A 209 19.08 1.10 7.14
CA GLY A 209 19.53 1.69 8.39
C GLY A 209 19.71 3.22 8.31
N TYR A 210 19.94 3.77 7.13
CA TYR A 210 20.04 5.24 6.91
C TYR A 210 18.70 5.97 7.24
N TRP A 211 17.57 5.24 7.19
CA TRP A 211 16.26 5.85 7.37
C TRP A 211 15.96 5.90 8.85
N THR A 212 16.37 6.99 9.48
CA THR A 212 16.35 7.06 10.92
C THR A 212 15.00 7.45 11.56
N TYR A 213 13.99 7.80 10.74
CA TYR A 213 12.79 8.39 11.25
C TYR A 213 11.99 7.35 12.04
N SER A 214 11.33 7.81 13.10
CA SER A 214 10.65 6.87 13.98
C SER A 214 9.11 6.86 13.73
N THR A 215 8.71 7.55 12.66
CA THR A 215 7.23 7.71 12.36
C THR A 215 6.75 6.83 11.23
N ASN A 216 7.39 5.67 11.01
CA ASN A 216 7.01 4.87 9.86
C ASN A 216 5.77 4.06 10.21
N TYR A 217 4.94 3.78 9.19
CA TYR A 217 3.81 2.88 9.38
C TYR A 217 3.46 2.29 8.02
N PHE A 218 2.74 1.18 8.09
CA PHE A 218 2.24 0.54 6.89
C PHE A 218 0.99 1.22 6.34
N LYS A 219 0.80 1.11 5.04
CA LYS A 219 -0.42 1.52 4.33
C LYS A 219 -0.80 0.45 3.30
N ALA A 220 -2.08 0.33 3.04
CA ALA A 220 -2.50 -0.63 2.02
C ALA A 220 -3.78 -0.09 1.45
N GLY A 221 -3.98 -0.25 0.13
CA GLY A 221 -5.27 0.16 -0.50
C GLY A 221 -4.98 0.65 -1.90
N VAL A 222 -5.48 1.83 -2.26
CA VAL A 222 -5.21 2.36 -3.60
C VAL A 222 -4.88 3.82 -3.54
N TYR A 223 -3.77 4.22 -4.17
CA TYR A 223 -3.34 5.59 -4.08
C TYR A 223 -2.87 5.87 -5.52
N VAL A 224 -3.67 6.67 -6.27
CA VAL A 224 -3.42 6.84 -7.74
C VAL A 224 -2.34 7.92 -7.94
N GLN A 225 -1.34 7.62 -8.79
CA GLN A 225 -0.37 8.66 -9.13
C GLN A 225 -0.78 9.36 -10.43
N GLU A 226 -1.12 8.57 -11.40
CA GLU A 226 -1.52 9.04 -12.74
C GLU A 226 -2.62 8.23 -13.34
N GLY A 227 -3.80 8.83 -13.55
CA GLY A 227 -4.95 8.14 -14.11
C GLY A 227 -6.23 8.83 -13.64
N SER A 228 -6.98 9.36 -14.61
CA SER A 228 -8.35 9.82 -14.31
C SER A 228 -9.38 8.73 -13.92
N PRO A 229 -9.33 7.55 -14.53
CA PRO A 229 -10.35 6.57 -14.19
C PRO A 229 -10.12 5.98 -12.81
N ASP A 230 -11.15 5.24 -12.38
CA ASP A 230 -11.03 4.50 -11.11
C ASP A 230 -10.03 3.34 -11.20
N ALA A 231 -9.18 3.28 -10.18
CA ALA A 231 -8.37 2.07 -9.92
C ALA A 231 -9.03 1.29 -8.75
N ARG A 232 -8.91 -0.03 -8.83
CA ARG A 232 -9.55 -0.94 -7.85
C ARG A 232 -8.46 -1.89 -7.33
N VAL A 233 -8.43 -2.07 -6.01
CA VAL A 233 -7.47 -2.99 -5.36
C VAL A 233 -8.33 -3.86 -4.42
N VAL A 234 -8.19 -5.17 -4.63
CA VAL A 234 -9.12 -6.15 -3.96
C VAL A 234 -8.33 -6.94 -2.94
N PHE A 235 -8.59 -6.68 -1.63
CA PHE A 235 -7.92 -7.51 -0.63
C PHE A 235 -8.81 -8.71 -0.23
N HIS A 236 -8.21 -9.89 -0.33
CA HIS A 236 -8.80 -11.13 0.23
C HIS A 236 -8.39 -11.38 1.62
N GLY A 237 -7.22 -10.86 2.05
CA GLY A 237 -6.81 -10.96 3.43
C GLY A 237 -5.73 -9.86 3.67
N LEU A 238 -5.66 -9.37 4.91
CA LEU A 238 -4.63 -8.34 5.26
C LEU A 238 -4.42 -8.39 6.73
N THR A 239 -3.15 -8.56 7.13
CA THR A 239 -2.80 -8.65 8.53
C THR A 239 -1.49 -7.94 8.78
N VAL A 240 -1.38 -7.30 9.93
CA VAL A 240 -0.11 -6.69 10.35
C VAL A 240 0.34 -7.31 11.62
N SER A 241 1.64 -7.25 11.87
CA SER A 241 2.25 -7.80 13.10
C SER A 241 3.59 -7.13 13.35
C1 BEM B . 4.20 10.13 -3.28
C2 BEM B . 3.91 9.93 -4.76
O2 BEM B . 3.80 11.21 -5.43
C3 BEM B . 4.98 9.07 -5.46
O3 BEM B . 4.80 9.10 -6.88
C4 BEM B . 6.37 9.62 -5.16
O4 BEM B . 7.27 8.62 -5.72
C5 BEM B . 6.47 9.57 -3.63
O5 BEM B . 5.59 10.54 -3.06
C6 BEM B . 7.88 9.92 -3.24
O6B BEM B . 8.21 11.14 -3.17
O6A BEM B . 8.68 9.02 -3.02
O1 BEM B . 3.41 11.24 -2.78
C1 BEM B . 8.03 9.10 -6.80
C2 BEM B . 9.33 8.32 -6.76
O2 BEM B . 9.10 6.88 -6.72
C3 BEM B . 10.13 8.64 -8.03
O3 BEM B . 11.25 7.72 -8.10
C4 BEM B . 9.30 8.51 -9.29
O4 BEM B . 10.10 9.12 -10.34
C5 BEM B . 7.96 9.25 -9.17
O5 BEM B . 7.30 8.83 -7.93
C6 BEM B . 7.03 8.96 -10.29
O6B BEM B . 6.47 9.93 -10.82
O6A BEM B . 6.82 7.80 -10.74
C1 BEM B . 9.93 8.51 -11.58
C2 BEM B . 10.62 9.42 -12.61
O2 BEM B . 12.03 9.48 -12.23
C3 BEM B . 10.41 8.84 -13.99
O3 BEM B . 11.32 9.45 -14.90
C4 BEM B . 10.71 7.33 -14.01
O4 BEM B . 10.31 6.81 -15.27
C5 BEM B . 9.88 6.65 -12.89
O5 BEM B . 10.48 7.19 -11.68
C6 BEM B . 9.86 5.14 -12.97
O6B BEM B . 10.99 4.61 -13.04
O6A BEM B . 8.77 4.46 -12.96
#